data_5OW1
#
_entry.id   5OW1
#
_cell.length_a   52.660
_cell.length_b   64.410
_cell.length_c   100.160
_cell.angle_alpha   90.000
_cell.angle_beta   90.000
_cell.angle_gamma   90.000
#
_symmetry.space_group_name_H-M   'P 21 21 21'
#
loop_
_entity.id
_entity.type
_entity.pdbx_description
1 polymer 'Tyrosine-protein phosphatase non-receptor type 5'
2 non-polymer '[[3-(3-cyclohexyl-2-oxidanyl-phenyl)phenyl]-bis(fluoranyl)methyl]phosphonic acid'
3 water water
#
_entity_poly.entity_id   1
_entity_poly.type   'polypeptide(L)'
_entity_poly.pdbx_seq_one_letter_code
;MHHHHHHSSGVDLGTENLYFQSMSRVLQAEELHEKALDPFLLQAEFFEIPMNFVDPKEYDIPGLVRKNRYKTILPNPHSR
VCLTSPDPDDPLSSYINANYIRGYGGEEKVYIATQGPIVSTVADFWRMVWQEHTPIIVMITNIEEMNEKCTEYWPEEQVA
YDGVEITVQKVIHTEDYRLRLISLKSGTEERGLKHYWFTSWPDQKTPDRAPPLLHLVREVEEAAQQEGPHCAPIIVHCSA
GIGRTGCFIATSICCQQLRQEGVVDILKTTCQLRQDRGGMIQT(CSS)EQYQFVHHVMSLYEKQLSHQS
;
_entity_poly.pdbx_strand_id   A
#
loop_
_chem_comp.id
_chem_comp.type
_chem_comp.name
_chem_comp.formula
AY8 non-polymer '[[3-(3-cyclohexyl-2-oxidanyl-phenyl)phenyl]-bis(fluoranyl)methyl]phosphonic acid' 'C19 H21 F2 O4 P'
#
# COMPACT_ATOMS: atom_id res chain seq x y z
N ASN A 17 7.45 7.33 -17.90
CA ASN A 17 6.58 7.95 -18.90
C ASN A 17 5.90 6.91 -19.82
N LEU A 18 5.92 5.62 -19.47
CA LEU A 18 5.35 4.56 -20.31
C LEU A 18 3.83 4.59 -20.53
N TYR A 19 3.05 4.89 -19.48
CA TYR A 19 1.59 4.83 -19.59
C TYR A 19 0.94 6.23 -19.72
N PHE A 20 1.67 7.27 -19.32
CA PHE A 20 1.24 8.67 -19.43
C PHE A 20 2.45 9.56 -19.12
N GLN A 21 2.35 10.85 -19.42
CA GLN A 21 3.43 11.80 -19.17
C GLN A 21 3.55 12.11 -17.67
N SER A 22 4.69 11.75 -17.06
CA SER A 22 4.93 12.04 -15.65
C SER A 22 5.11 13.53 -15.45
N MET A 23 4.74 14.00 -14.27
CA MET A 23 4.80 15.40 -13.89
C MET A 23 5.68 15.49 -12.67
N SER A 24 6.24 16.67 -12.41
CA SER A 24 7.14 16.81 -11.29
C SER A 24 7.06 18.20 -10.70
N ARG A 25 7.17 18.28 -9.35
CA ARG A 25 7.26 19.54 -8.65
C ARG A 25 8.12 19.34 -7.43
N VAL A 26 9.42 19.69 -7.57
CA VAL A 26 10.44 19.50 -6.51
C VAL A 26 10.25 20.58 -5.42
N LEU A 27 9.90 20.16 -4.20
CA LEU A 27 9.64 21.08 -3.09
C LEU A 27 10.75 21.09 -2.06
N GLN A 28 11.30 22.27 -1.80
CA GLN A 28 12.22 22.47 -0.69
C GLN A 28 11.31 22.81 0.52
N ALA A 29 11.87 22.87 1.74
CA ALA A 29 11.17 23.08 3.01
C ALA A 29 10.05 24.16 2.99
N GLU A 30 10.38 25.43 2.69
CA GLU A 30 9.40 26.53 2.72
C GLU A 30 8.22 26.28 1.77
N GLU A 31 8.49 25.90 0.52
CA GLU A 31 7.42 25.67 -0.42
C GLU A 31 6.54 24.49 0.03
N LEU A 32 7.14 23.41 0.58
CA LEU A 32 6.40 22.25 1.08
C LEU A 32 5.39 22.67 2.17
N HIS A 33 5.87 23.42 3.18
CA HIS A 33 5.06 23.93 4.28
C HIS A 33 3.85 24.74 3.75
N GLU A 34 4.12 25.65 2.81
CA GLU A 34 3.11 26.54 2.22
C GLU A 34 2.16 25.76 1.31
N LYS A 35 2.69 24.86 0.47
CA LYS A 35 1.91 24.01 -0.46
C LYS A 35 0.88 23.13 0.29
N ALA A 36 1.26 22.56 1.47
CA ALA A 36 0.34 21.72 2.29
C ALA A 36 -0.88 22.50 2.71
N LEU A 37 -0.73 23.82 2.83
CA LEU A 37 -1.80 24.71 3.28
C LEU A 37 -2.43 25.51 2.13
N ASP A 38 -2.20 25.12 0.87
CA ASP A 38 -2.83 25.85 -0.26
C ASP A 38 -3.76 24.86 -0.99
N PRO A 39 -5.01 24.63 -0.48
CA PRO A 39 -5.91 23.67 -1.13
C PRO A 39 -6.27 24.03 -2.57
N PHE A 40 -6.29 25.32 -2.94
CA PHE A 40 -6.60 25.76 -4.31
C PHE A 40 -5.55 25.31 -5.32
N LEU A 41 -4.25 25.49 -5.01
CA LEU A 41 -3.17 24.99 -5.88
C LEU A 41 -3.11 23.45 -5.85
N LEU A 42 -3.31 22.85 -4.68
CA LEU A 42 -3.28 21.41 -4.53
C LEU A 42 -4.32 20.73 -5.41
N GLN A 43 -5.56 21.24 -5.44
CA GLN A 43 -6.63 20.66 -6.28
C GLN A 43 -6.34 20.88 -7.76
N ALA A 44 -5.77 22.04 -8.13
CA ALA A 44 -5.39 22.36 -9.52
C ALA A 44 -4.36 21.30 -9.98
N GLU A 45 -3.36 21.05 -9.15
CA GLU A 45 -2.30 20.07 -9.44
C GLU A 45 -2.87 18.65 -9.45
N PHE A 46 -3.58 18.27 -8.39
CA PHE A 46 -4.13 16.94 -8.26
C PHE A 46 -5.00 16.51 -9.44
N PHE A 47 -5.98 17.35 -9.82
CA PHE A 47 -6.92 16.94 -10.86
C PHE A 47 -6.36 17.01 -12.29
N GLU A 48 -5.07 17.33 -12.43
CA GLU A 48 -4.34 17.26 -13.70
C GLU A 48 -3.65 15.92 -13.82
N ILE A 49 -3.55 15.17 -12.70
CA ILE A 49 -2.85 13.87 -12.74
C ILE A 49 -3.80 12.81 -13.31
N PRO A 50 -3.40 12.08 -14.37
CA PRO A 50 -4.29 11.03 -14.89
C PRO A 50 -4.51 9.92 -13.86
N MET A 51 -5.73 9.40 -13.78
CA MET A 51 -6.06 8.32 -12.85
C MET A 51 -5.41 7.02 -13.30
N ASN A 52 -5.29 6.81 -14.62
CA ASN A 52 -4.69 5.61 -15.23
C ASN A 52 -5.48 4.35 -14.86
N PHE A 53 -6.81 4.48 -14.77
CA PHE A 53 -7.67 3.33 -14.47
C PHE A 53 -7.68 2.35 -15.64
N VAL A 54 -7.91 1.08 -15.34
CA VAL A 54 -7.94 0.01 -16.33
C VAL A 54 -9.35 -0.08 -16.88
N ASP A 55 -9.50 -0.24 -18.21
CA ASP A 55 -10.81 -0.46 -18.79
C ASP A 55 -11.25 -1.89 -18.31
N PRO A 56 -12.43 -2.07 -17.64
CA PRO A 56 -12.82 -3.43 -17.19
C PRO A 56 -12.89 -4.51 -18.28
N LYS A 57 -13.07 -4.09 -19.55
CA LYS A 57 -13.08 -5.05 -20.67
C LYS A 57 -11.66 -5.62 -20.94
N GLU A 58 -10.61 -5.06 -20.31
CA GLU A 58 -9.24 -5.59 -20.43
C GLU A 58 -9.15 -7.01 -19.86
N TYR A 59 -10.03 -7.34 -18.89
CA TYR A 59 -10.12 -8.67 -18.30
C TYR A 59 -11.39 -9.36 -18.80
N ASP A 60 -11.24 -10.52 -19.40
CA ASP A 60 -12.40 -11.30 -19.90
C ASP A 60 -12.22 -12.68 -19.32
N ILE A 61 -12.50 -12.81 -18.02
CA ILE A 61 -12.26 -14.06 -17.30
C ILE A 61 -13.53 -14.50 -16.58
N PRO A 62 -14.10 -15.66 -16.95
CA PRO A 62 -15.29 -16.16 -16.21
C PRO A 62 -15.00 -16.34 -14.73
N GLY A 63 -15.90 -15.84 -13.87
CA GLY A 63 -15.75 -15.93 -12.41
C GLY A 63 -14.99 -14.77 -11.78
N LEU A 64 -14.52 -13.81 -12.60
CA LEU A 64 -13.74 -12.68 -12.09
C LEU A 64 -14.51 -11.75 -11.15
N VAL A 65 -15.85 -11.64 -11.31
CA VAL A 65 -16.74 -10.79 -10.51
C VAL A 65 -16.57 -11.01 -9.02
N ARG A 66 -16.40 -12.27 -8.62
CA ARG A 66 -16.22 -12.66 -7.23
C ARG A 66 -14.86 -12.28 -6.68
N LYS A 67 -13.89 -11.89 -7.54
CA LYS A 67 -12.54 -11.57 -7.08
C LYS A 67 -12.31 -10.09 -6.80
N ASN A 68 -13.25 -9.25 -7.26
CA ASN A 68 -13.12 -7.81 -7.15
C ASN A 68 -14.16 -7.19 -6.23
N ARG A 69 -13.70 -6.39 -5.24
CA ARG A 69 -14.59 -5.66 -4.35
C ARG A 69 -15.34 -4.61 -5.19
N TYR A 70 -14.64 -3.98 -6.16
CA TYR A 70 -15.19 -2.94 -7.04
C TYR A 70 -14.90 -3.27 -8.50
N LYS A 71 -15.94 -3.26 -9.37
CA LYS A 71 -15.77 -3.61 -10.79
C LYS A 71 -14.89 -2.63 -11.60
N THR A 72 -14.74 -1.38 -11.17
CA THR A 72 -13.94 -0.39 -11.92
C THR A 72 -12.54 -0.16 -11.37
N ILE A 73 -12.18 -0.82 -10.24
CA ILE A 73 -10.86 -0.69 -9.64
C ILE A 73 -10.17 -2.03 -9.92
N LEU A 74 -9.44 -2.10 -11.03
CA LEU A 74 -8.79 -3.33 -11.46
C LEU A 74 -7.30 -3.18 -11.47
N PRO A 75 -6.53 -4.28 -11.38
CA PRO A 75 -5.06 -4.13 -11.42
C PRO A 75 -4.59 -3.89 -12.86
N ASN A 76 -3.69 -2.91 -13.06
CA ASN A 76 -3.11 -2.64 -14.38
C ASN A 76 -2.35 -3.90 -14.83
N PRO A 77 -2.61 -4.40 -16.06
CA PRO A 77 -2.04 -5.70 -16.44
C PRO A 77 -0.52 -5.83 -16.37
N HIS A 78 0.25 -4.81 -16.74
CA HIS A 78 1.71 -4.93 -16.78
C HIS A 78 2.38 -5.19 -15.42
N SER A 79 1.79 -4.70 -14.32
CA SER A 79 2.38 -4.80 -12.98
C SER A 79 1.56 -5.67 -12.03
N ARG A 80 0.55 -6.36 -12.56
CA ARG A 80 -0.38 -7.23 -11.82
C ARG A 80 0.39 -8.37 -11.16
N VAL A 81 0.01 -8.71 -9.92
CA VAL A 81 0.61 -9.86 -9.22
C VAL A 81 -0.12 -11.12 -9.74
N CYS A 82 0.62 -12.05 -10.42
CA CYS A 82 0.05 -13.30 -10.92
C CYS A 82 0.33 -14.39 -9.93
N LEU A 83 -0.71 -15.14 -9.54
CA LEU A 83 -0.57 -16.24 -8.58
C LEU A 83 -0.17 -17.48 -9.39
N THR A 84 1.11 -17.82 -9.36
CA THR A 84 1.66 -18.89 -10.21
C THR A 84 1.43 -20.31 -9.68
N SER A 85 0.93 -20.49 -8.47
CA SER A 85 0.62 -21.82 -7.94
C SER A 85 -0.84 -21.86 -7.52
N PRO A 86 -1.58 -22.95 -7.82
CA PRO A 86 -1.16 -24.21 -8.47
C PRO A 86 -1.28 -24.27 -10.00
N ASP A 87 -1.74 -23.19 -10.67
CA ASP A 87 -1.92 -23.22 -12.13
C ASP A 87 -1.72 -21.82 -12.73
N PRO A 88 -0.48 -21.52 -13.21
CA PRO A 88 -0.21 -20.18 -13.80
C PRO A 88 -0.91 -19.92 -15.13
N ASP A 89 -1.36 -21.00 -15.78
CA ASP A 89 -2.03 -20.97 -17.09
C ASP A 89 -3.53 -20.79 -16.97
N ASP A 90 -4.08 -20.87 -15.74
CA ASP A 90 -5.50 -20.66 -15.55
C ASP A 90 -5.76 -19.20 -15.20
N PRO A 91 -6.36 -18.39 -16.10
CA PRO A 91 -6.56 -16.96 -15.79
C PRO A 91 -7.27 -16.65 -14.48
N LEU A 92 -8.22 -17.51 -14.02
CA LEU A 92 -8.91 -17.23 -12.76
C LEU A 92 -8.07 -17.58 -11.53
N SER A 93 -7.44 -18.79 -11.51
CA SER A 93 -6.59 -19.22 -10.38
C SER A 93 -5.41 -18.29 -10.17
N SER A 94 -4.90 -17.73 -11.28
CA SER A 94 -3.78 -16.80 -11.31
C SER A 94 -4.13 -15.40 -10.83
N TYR A 95 -5.42 -15.07 -10.76
CA TYR A 95 -5.85 -13.70 -10.48
C TYR A 95 -5.98 -13.30 -9.00
N ILE A 96 -5.50 -12.10 -8.74
CA ILE A 96 -5.68 -11.37 -7.49
C ILE A 96 -5.70 -9.88 -7.87
N ASN A 97 -6.56 -9.08 -7.22
CA ASN A 97 -6.57 -7.63 -7.47
C ASN A 97 -5.43 -7.01 -6.64
N ALA A 98 -4.22 -7.02 -7.22
CA ALA A 98 -2.99 -6.54 -6.62
C ALA A 98 -1.99 -6.14 -7.68
N ASN A 99 -1.13 -5.15 -7.39
CA ASN A 99 -0.05 -4.75 -8.27
C ASN A 99 1.25 -4.59 -7.52
N TYR A 100 2.37 -4.90 -8.20
CA TYR A 100 3.70 -4.63 -7.69
C TYR A 100 3.86 -3.13 -7.83
N ILE A 101 4.44 -2.49 -6.78
CA ILE A 101 4.62 -1.04 -6.74
C ILE A 101 6.10 -0.75 -6.55
N ARG A 102 6.66 0.11 -7.41
CA ARG A 102 8.07 0.46 -7.30
C ARG A 102 8.23 1.38 -6.10
N GLY A 103 9.37 1.30 -5.43
CA GLY A 103 9.66 2.18 -4.32
C GLY A 103 10.49 3.38 -4.73
N TYR A 104 11.16 3.97 -3.75
CA TYR A 104 12.03 5.15 -3.95
C TYR A 104 13.07 4.85 -5.02
N GLY A 105 13.28 5.80 -5.93
CA GLY A 105 14.27 5.68 -7.00
C GLY A 105 13.87 4.66 -8.05
N GLY A 106 12.58 4.29 -8.10
CA GLY A 106 12.10 3.29 -9.03
C GLY A 106 12.44 1.84 -8.70
N GLU A 107 12.99 1.53 -7.50
CA GLU A 107 13.33 0.15 -7.12
C GLU A 107 12.11 -0.77 -7.36
N GLU A 108 12.32 -1.89 -8.01
CA GLU A 108 11.22 -2.77 -8.36
C GLU A 108 10.66 -3.54 -7.17
N LYS A 109 9.33 -3.73 -7.16
CA LYS A 109 8.61 -4.57 -6.20
C LYS A 109 8.88 -4.24 -4.74
N VAL A 110 8.95 -2.95 -4.38
CA VAL A 110 9.15 -2.66 -2.94
C VAL A 110 7.86 -2.98 -2.16
N TYR A 111 6.73 -2.74 -2.82
CA TYR A 111 5.42 -2.97 -2.27
C TYR A 111 4.55 -3.71 -3.21
N ILE A 112 3.46 -4.20 -2.66
CA ILE A 112 2.32 -4.72 -3.37
C ILE A 112 1.13 -3.97 -2.81
N ALA A 113 0.36 -3.31 -3.69
CA ALA A 113 -0.87 -2.64 -3.26
C ALA A 113 -2.00 -3.56 -3.69
N THR A 114 -2.88 -3.88 -2.74
CA THR A 114 -3.97 -4.79 -3.01
C THR A 114 -5.21 -4.29 -2.28
N GLN A 115 -6.36 -4.75 -2.72
CA GLN A 115 -7.62 -4.43 -2.06
C GLN A 115 -7.67 -5.27 -0.77
N GLY A 116 -8.48 -4.84 0.19
CA GLY A 116 -8.69 -5.61 1.41
C GLY A 116 -9.30 -6.94 1.00
N PRO A 117 -8.82 -8.08 1.51
CA PRO A 117 -9.43 -9.36 1.11
C PRO A 117 -10.93 -9.42 1.40
N ILE A 118 -11.65 -10.11 0.55
CA ILE A 118 -13.09 -10.35 0.71
C ILE A 118 -13.22 -11.84 0.98
N VAL A 119 -14.39 -12.32 1.38
CA VAL A 119 -14.61 -13.73 1.72
C VAL A 119 -14.05 -14.69 0.65
N SER A 120 -14.31 -14.40 -0.63
CA SER A 120 -13.86 -15.27 -1.73
C SER A 120 -12.36 -15.12 -2.12
N THR A 121 -11.64 -14.13 -1.55
CA THR A 121 -10.23 -13.91 -1.86
C THR A 121 -9.26 -14.08 -0.64
N VAL A 122 -9.77 -14.53 0.53
CA VAL A 122 -8.95 -14.74 1.76
C VAL A 122 -7.80 -15.69 1.47
N ALA A 123 -8.12 -16.90 0.93
CA ALA A 123 -7.12 -17.91 0.59
C ALA A 123 -6.20 -17.43 -0.53
N ASP A 124 -6.73 -16.69 -1.54
CA ASP A 124 -5.89 -16.08 -2.61
C ASP A 124 -4.87 -15.09 -2.03
N PHE A 125 -5.28 -14.32 -1.00
CA PHE A 125 -4.39 -13.34 -0.36
C PHE A 125 -3.22 -14.07 0.32
N TRP A 126 -3.49 -15.17 1.03
CA TRP A 126 -2.45 -15.97 1.67
C TRP A 126 -1.57 -16.69 0.63
N ARG A 127 -2.13 -17.06 -0.54
CA ARG A 127 -1.31 -17.63 -1.62
C ARG A 127 -0.31 -16.54 -2.05
N MET A 128 -0.75 -15.27 -2.11
CA MET A 128 0.13 -14.18 -2.49
C MET A 128 1.21 -13.94 -1.43
N VAL A 129 0.83 -13.93 -0.14
CA VAL A 129 1.80 -13.73 0.94
C VAL A 129 2.92 -14.78 0.81
N TRP A 130 2.51 -16.06 0.61
CA TRP A 130 3.44 -17.17 0.51
C TRP A 130 4.32 -17.08 -0.71
N GLN A 131 3.73 -16.87 -1.90
CA GLN A 131 4.49 -16.76 -3.16
C GLN A 131 5.56 -15.67 -3.07
N GLU A 132 5.20 -14.50 -2.55
CA GLU A 132 6.04 -13.31 -2.54
C GLU A 132 7.03 -13.25 -1.38
N HIS A 133 6.93 -14.17 -0.40
CA HIS A 133 7.77 -14.16 0.84
C HIS A 133 7.55 -12.84 1.62
N THR A 134 6.37 -12.25 1.49
CA THR A 134 6.05 -10.98 2.16
C THR A 134 6.42 -11.02 3.65
N PRO A 135 7.31 -10.12 4.12
CA PRO A 135 7.63 -10.14 5.55
C PRO A 135 6.73 -9.22 6.38
N ILE A 136 6.03 -8.28 5.73
CA ILE A 136 5.22 -7.23 6.36
C ILE A 136 3.93 -6.96 5.61
N ILE A 137 2.83 -6.80 6.37
CA ILE A 137 1.52 -6.40 5.83
C ILE A 137 1.14 -5.13 6.60
N VAL A 138 0.66 -4.12 5.87
CA VAL A 138 0.16 -2.86 6.40
C VAL A 138 -1.32 -2.82 6.02
N MET A 139 -2.20 -2.83 7.00
CA MET A 139 -3.65 -2.80 6.83
C MET A 139 -4.16 -1.49 7.39
N ILE A 140 -4.83 -0.69 6.55
CA ILE A 140 -5.31 0.64 6.95
C ILE A 140 -6.83 0.58 6.94
N THR A 141 -7.40 0.16 8.07
CA THR A 141 -8.85 -0.06 8.21
C THR A 141 -9.26 0.23 9.63
N ASN A 142 -10.34 1.00 9.80
CA ASN A 142 -10.90 1.35 11.12
C ASN A 142 -11.59 0.12 11.69
N ILE A 143 -11.70 0.06 13.02
CA ILE A 143 -12.37 -1.05 13.74
C ILE A 143 -13.85 -1.10 13.31
N GLU A 144 -14.47 0.09 13.10
CA GLU A 144 -15.86 0.24 12.65
C GLU A 144 -16.08 -0.21 11.21
N GLU A 145 -15.02 -0.15 10.36
CA GLU A 145 -15.08 -0.55 8.95
C GLU A 145 -15.07 -2.05 8.71
N MET A 146 -14.78 -2.84 9.78
CA MET A 146 -14.77 -4.30 9.74
C MET A 146 -16.20 -4.82 9.70
N CYS A 150 -13.02 -4.62 5.03
CA CYS A 150 -12.11 -5.75 5.10
C CYS A 150 -12.71 -6.92 5.88
N THR A 151 -12.53 -8.14 5.37
CA THR A 151 -12.93 -9.39 6.01
C THR A 151 -11.75 -9.75 6.91
N GLU A 152 -12.01 -10.22 8.15
CA GLU A 152 -10.95 -10.63 9.09
C GLU A 152 -10.33 -11.92 8.54
N TYR A 153 -9.24 -11.77 7.76
CA TYR A 153 -8.56 -12.86 7.04
C TYR A 153 -7.49 -13.62 7.83
N TRP A 154 -7.12 -13.14 9.03
CA TRP A 154 -6.15 -13.83 9.88
C TRP A 154 -6.92 -14.65 10.93
N PRO A 155 -6.33 -15.72 11.51
CA PRO A 155 -7.07 -16.48 12.54
C PRO A 155 -6.97 -15.85 13.93
N GLU A 156 -7.79 -16.34 14.87
CA GLU A 156 -7.75 -15.92 16.27
C GLU A 156 -6.44 -16.45 16.87
N GLU A 157 -6.05 -17.68 16.48
CA GLU A 157 -4.84 -18.37 16.91
C GLU A 157 -4.13 -19.06 15.73
N GLN A 158 -4.82 -19.99 15.03
CA GLN A 158 -4.26 -20.79 13.92
C GLN A 158 -5.29 -21.18 12.86
N VAL A 159 -4.83 -21.26 11.59
CA VAL A 159 -5.61 -21.66 10.41
C VAL A 159 -4.69 -22.13 9.27
N ALA A 160 -5.15 -23.06 8.42
CA ALA A 160 -4.36 -23.53 7.30
C ALA A 160 -5.08 -23.24 5.98
N TYR A 161 -4.33 -22.72 5.01
CA TYR A 161 -4.80 -22.39 3.67
C TYR A 161 -3.77 -22.92 2.68
N ASP A 162 -4.17 -23.91 1.86
CA ASP A 162 -3.36 -24.48 0.78
C ASP A 162 -1.96 -24.96 1.24
N GLY A 163 -1.92 -25.71 2.34
CA GLY A 163 -0.69 -26.27 2.88
C GLY A 163 0.14 -25.38 3.78
N VAL A 164 -0.30 -24.12 3.98
CA VAL A 164 0.41 -23.15 4.81
C VAL A 164 -0.35 -22.92 6.09
N GLU A 165 0.27 -23.29 7.23
CA GLU A 165 -0.27 -23.09 8.57
C GLU A 165 0.09 -21.66 9.04
N ILE A 166 -0.95 -20.85 9.28
CA ILE A 166 -0.84 -19.45 9.71
C ILE A 166 -1.11 -19.39 11.22
N THR A 167 -0.13 -18.93 12.01
CA THR A 167 -0.29 -18.84 13.47
C THR A 167 -0.04 -17.43 14.00
N VAL A 168 -1.02 -16.88 14.72
CA VAL A 168 -0.84 -15.59 15.39
C VAL A 168 -0.13 -15.95 16.70
N GLN A 169 1.15 -15.54 16.80
CA GLN A 169 2.01 -15.84 17.94
C GLN A 169 1.94 -14.74 18.98
N LYS A 170 1.74 -13.47 18.56
CA LYS A 170 1.70 -12.36 19.52
C LYS A 170 0.89 -11.20 18.97
N VAL A 171 0.14 -10.52 19.86
CA VAL A 171 -0.64 -9.32 19.54
C VAL A 171 -0.08 -8.20 20.40
N ILE A 172 0.43 -7.13 19.77
CA ILE A 172 1.00 -5.95 20.44
C ILE A 172 0.07 -4.76 20.18
N HIS A 173 -0.57 -4.23 21.24
CA HIS A 173 -1.48 -3.10 21.13
C HIS A 173 -0.76 -1.79 21.42
N THR A 174 -0.70 -0.90 20.41
CA THR A 174 -0.15 0.45 20.55
C THR A 174 -1.34 1.39 20.33
N GLU A 175 -1.16 2.70 20.52
CA GLU A 175 -2.22 3.69 20.38
C GLU A 175 -2.84 3.74 18.98
N ASP A 176 -2.00 3.68 17.95
CA ASP A 176 -2.48 3.80 16.58
C ASP A 176 -2.45 2.53 15.73
N TYR A 177 -1.81 1.44 16.23
CA TYR A 177 -1.81 0.17 15.48
C TYR A 177 -1.74 -1.06 16.38
N ARG A 178 -2.30 -2.19 15.88
CA ARG A 178 -2.22 -3.49 16.52
C ARG A 178 -1.23 -4.28 15.68
N LEU A 179 -0.10 -4.66 16.28
CA LEU A 179 0.92 -5.43 15.58
C LEU A 179 0.79 -6.93 15.90
N ARG A 180 0.64 -7.75 14.85
CA ARG A 180 0.60 -9.19 15.04
C ARG A 180 1.86 -9.80 14.49
N LEU A 181 2.49 -10.66 15.29
CA LEU A 181 3.67 -11.43 14.92
C LEU A 181 3.11 -12.78 14.53
N ILE A 182 3.18 -13.09 13.23
CA ILE A 182 2.59 -14.29 12.64
C ILE A 182 3.66 -15.26 12.14
N SER A 183 3.39 -16.55 12.31
CA SER A 183 4.25 -17.61 11.83
C SER A 183 3.58 -18.29 10.63
N LEU A 184 4.34 -18.56 9.57
CA LEU A 184 3.83 -19.26 8.38
C LEU A 184 4.67 -20.51 8.18
N LYS A 185 4.03 -21.68 8.18
CA LYS A 185 4.71 -22.96 8.06
C LYS A 185 4.12 -23.84 6.98
N SER A 186 4.98 -24.42 6.14
CA SER A 186 4.61 -25.35 5.07
C SER A 186 5.76 -26.35 4.96
N GLY A 187 5.47 -27.59 5.33
CA GLY A 187 6.45 -28.68 5.36
C GLY A 187 7.49 -28.42 6.42
N THR A 188 8.74 -28.21 5.99
CA THR A 188 9.87 -27.94 6.88
C THR A 188 10.20 -26.44 6.95
N GLU A 189 9.71 -25.64 5.97
CA GLU A 189 10.03 -24.21 5.99
C GLU A 189 9.04 -23.39 6.81
N GLU A 190 9.60 -22.51 7.64
CA GLU A 190 8.91 -21.59 8.53
C GLU A 190 9.37 -20.16 8.22
N ARG A 191 8.42 -19.22 8.20
CA ARG A 191 8.71 -17.81 7.91
C ARG A 191 7.97 -16.92 8.91
N GLY A 192 8.54 -15.78 9.19
CA GLY A 192 7.92 -14.80 10.07
C GLY A 192 7.17 -13.79 9.22
N LEU A 193 6.18 -13.15 9.83
CA LEU A 193 5.41 -12.09 9.18
C LEU A 193 4.95 -11.12 10.24
N LYS A 194 5.05 -9.83 9.95
CA LYS A 194 4.59 -8.74 10.81
C LYS A 194 3.36 -8.12 10.16
N HIS A 195 2.24 -8.11 10.89
CA HIS A 195 0.96 -7.56 10.41
C HIS A 195 0.64 -6.30 11.20
N TYR A 196 0.70 -5.15 10.55
CA TYR A 196 0.40 -3.85 11.19
C TYR A 196 -1.01 -3.46 10.80
N TRP A 197 -1.91 -3.45 11.78
CA TRP A 197 -3.30 -3.04 11.57
C TRP A 197 -3.41 -1.62 12.12
N PHE A 198 -3.36 -0.61 11.22
CA PHE A 198 -3.47 0.79 11.61
C PHE A 198 -4.94 1.15 11.72
N THR A 199 -5.33 1.73 12.86
CA THR A 199 -6.72 2.09 13.14
C THR A 199 -6.98 3.61 13.25
N SER A 200 -5.97 4.43 13.02
CA SER A 200 -6.13 5.88 13.16
C SER A 200 -6.27 6.64 11.83
N TRP A 201 -6.89 6.02 10.81
CA TRP A 201 -7.11 6.72 9.55
C TRP A 201 -8.18 7.78 9.78
N PRO A 202 -7.90 9.07 9.51
CA PRO A 202 -8.89 10.11 9.88
C PRO A 202 -10.01 10.38 8.88
N ASP A 203 -11.16 10.82 9.40
CA ASP A 203 -12.32 11.23 8.61
C ASP A 203 -11.96 12.55 7.92
N GLN A 204 -11.39 13.49 8.69
CA GLN A 204 -10.96 14.78 8.16
C GLN A 204 -9.44 14.82 8.19
N LYS A 205 -8.85 14.95 7.01
CA LYS A 205 -7.41 14.90 6.78
C LYS A 205 -6.70 16.21 7.16
N THR A 206 -6.98 16.69 8.39
CA THR A 206 -6.42 17.93 8.92
C THR A 206 -4.97 17.71 9.40
N PRO A 207 -4.10 18.76 9.51
CA PRO A 207 -2.70 18.52 9.92
C PRO A 207 -2.49 17.85 11.30
N ASP A 208 -3.43 18.05 12.26
CA ASP A 208 -3.34 17.42 13.59
C ASP A 208 -3.53 15.89 13.56
N ARG A 209 -4.04 15.33 12.43
CA ARG A 209 -4.25 13.90 12.30
C ARG A 209 -3.08 13.22 11.55
N ALA A 210 -2.08 14.01 11.14
CA ALA A 210 -0.87 13.51 10.45
C ALA A 210 0.10 12.69 11.32
N PRO A 211 0.38 13.00 12.63
CA PRO A 211 1.42 12.24 13.36
C PRO A 211 1.23 10.71 13.44
N PRO A 212 0.02 10.10 13.65
CA PRO A 212 -0.07 8.63 13.72
C PRO A 212 0.33 7.94 12.41
N LEU A 213 -0.03 8.53 11.25
CA LEU A 213 0.33 7.95 9.96
C LEU A 213 1.86 8.02 9.77
N LEU A 214 2.47 9.15 10.14
CA LEU A 214 3.92 9.34 10.05
C LEU A 214 4.64 8.33 10.92
N HIS A 215 4.17 8.13 12.18
CA HIS A 215 4.71 7.11 13.07
C HIS A 215 4.62 5.73 12.44
N LEU A 216 3.47 5.36 11.82
CA LEU A 216 3.33 4.05 11.15
C LEU A 216 4.37 3.89 10.03
N VAL A 217 4.51 4.91 9.16
CA VAL A 217 5.44 4.93 8.03
C VAL A 217 6.87 4.67 8.51
N ARG A 218 7.29 5.37 9.57
CA ARG A 218 8.62 5.25 10.15
C ARG A 218 8.83 3.89 10.77
N GLU A 219 7.84 3.37 11.52
CA GLU A 219 7.95 2.04 12.16
C GLU A 219 8.07 0.92 11.10
N VAL A 220 7.26 1.00 10.04
CA VAL A 220 7.30 0.02 8.97
C VAL A 220 8.63 0.10 8.18
N GLU A 221 9.14 1.31 7.88
CA GLU A 221 10.39 1.38 7.13
C GLU A 221 11.59 0.83 7.95
N GLU A 222 11.55 0.98 9.28
CA GLU A 222 12.59 0.43 10.15
C GLU A 222 12.46 -1.08 10.18
N ALA A 223 11.21 -1.61 10.26
CA ALA A 223 11.04 -3.06 10.22
C ALA A 223 11.48 -3.61 8.84
N ALA A 224 11.19 -2.89 7.75
CA ALA A 224 11.61 -3.32 6.40
C ALA A 224 13.14 -3.41 6.30
N GLN A 225 13.85 -2.41 6.83
CA GLN A 225 15.32 -2.41 6.86
C GLN A 225 15.87 -3.59 7.64
N GLN A 226 15.21 -4.00 8.74
CA GLN A 226 15.65 -5.14 9.55
C GLN A 226 15.58 -6.48 8.82
N GLU A 227 14.85 -6.54 7.69
CA GLU A 227 14.75 -7.77 6.89
C GLU A 227 16.06 -8.00 6.11
N GLY A 228 16.91 -6.98 6.06
CA GLY A 228 18.19 -7.09 5.40
C GLY A 228 18.14 -6.92 3.90
N PRO A 229 19.21 -7.30 3.18
CA PRO A 229 19.25 -7.11 1.73
C PRO A 229 18.08 -7.71 0.95
N HIS A 230 17.64 -6.99 -0.08
CA HIS A 230 16.60 -7.38 -1.03
C HIS A 230 15.34 -7.84 -0.34
N CYS A 231 14.79 -6.95 0.49
CA CYS A 231 13.58 -7.20 1.25
C CYS A 231 12.51 -7.59 0.24
N ALA A 232 11.74 -8.64 0.58
CA ALA A 232 10.63 -9.10 -0.24
C ALA A 232 9.49 -8.05 -0.24
N PRO A 233 8.49 -8.10 -1.16
CA PRO A 233 7.47 -7.03 -1.18
C PRO A 233 6.62 -6.88 0.09
N ILE A 234 6.40 -5.65 0.48
CA ILE A 234 5.60 -5.31 1.65
C ILE A 234 4.15 -5.13 1.12
N ILE A 235 3.21 -5.88 1.64
CA ILE A 235 1.82 -5.77 1.17
C ILE A 235 1.11 -4.65 1.92
N VAL A 236 0.47 -3.74 1.17
CA VAL A 236 -0.28 -2.61 1.73
C VAL A 236 -1.71 -2.73 1.22
N HIS A 237 -2.70 -2.68 2.12
CA HIS A 237 -4.09 -2.72 1.68
C HIS A 237 -5.02 -1.85 2.51
N CYS A 238 -6.09 -1.41 1.85
CA CYS A 238 -7.22 -0.67 2.38
C CYS A 238 -8.42 -1.25 1.58
N SER A 239 -9.62 -0.71 1.68
CA SER A 239 -10.78 -1.29 0.98
C SER A 239 -10.56 -1.53 -0.53
N ALA A 240 -10.26 -0.49 -1.33
CA ALA A 240 -10.00 -0.67 -2.76
C ALA A 240 -8.51 -0.89 -3.08
N GLY A 241 -7.64 -0.61 -2.13
CA GLY A 241 -6.21 -0.78 -2.33
C GLY A 241 -5.57 0.30 -3.20
N ILE A 242 -6.19 1.51 -3.25
CA ILE A 242 -5.65 2.66 -4.01
C ILE A 242 -5.53 3.95 -3.17
N GLY A 243 -6.55 4.32 -2.39
CA GLY A 243 -6.54 5.58 -1.65
C GLY A 243 -5.60 5.69 -0.48
N ARG A 244 -5.98 5.05 0.62
CA ARG A 244 -5.18 5.03 1.84
C ARG A 244 -3.84 4.34 1.54
N THR A 245 -3.89 3.29 0.69
CA THR A 245 -2.70 2.54 0.26
C THR A 245 -1.75 3.48 -0.50
N GLY A 246 -2.28 4.29 -1.43
CA GLY A 246 -1.49 5.28 -2.16
C GLY A 246 -0.85 6.27 -1.21
N CYS A 247 -1.58 6.72 -0.17
CA CYS A 247 -1.03 7.69 0.80
C CYS A 247 0.11 7.11 1.58
N PHE A 248 -0.08 5.88 2.09
CA PHE A 248 0.96 5.21 2.88
C PHE A 248 2.23 5.05 2.06
N ILE A 249 2.12 4.53 0.83
CA ILE A 249 3.27 4.25 -0.03
C ILE A 249 3.95 5.56 -0.47
N ALA A 250 3.15 6.56 -0.88
CA ALA A 250 3.73 7.85 -1.30
C ALA A 250 4.49 8.48 -0.16
N THR A 251 3.93 8.46 1.06
CA THR A 251 4.60 9.02 2.25
C THR A 251 5.91 8.28 2.51
N SER A 252 5.87 6.95 2.47
CA SER A 252 7.06 6.09 2.70
C SER A 252 8.16 6.45 1.68
N ILE A 253 7.81 6.60 0.40
CA ILE A 253 8.79 6.95 -0.62
C ILE A 253 9.36 8.35 -0.36
N CYS A 254 8.50 9.33 -0.11
CA CYS A 254 8.94 10.70 0.08
C CYS A 254 9.80 10.91 1.34
N CYS A 255 9.62 10.08 2.39
CA CYS A 255 10.46 10.15 3.62
C CYS A 255 11.90 9.79 3.27
N GLN A 256 12.07 8.76 2.41
CA GLN A 256 13.42 8.39 1.94
C GLN A 256 13.99 9.50 1.04
N GLN A 257 13.14 10.06 0.13
CA GLN A 257 13.60 11.15 -0.73
C GLN A 257 14.04 12.35 0.09
N LEU A 258 13.27 12.72 1.10
CA LEU A 258 13.64 13.84 1.95
C LEU A 258 15.00 13.62 2.65
N ARG A 259 15.21 12.45 3.25
CA ARG A 259 16.47 12.13 3.95
C ARG A 259 17.66 12.08 3.00
N GLN A 260 17.46 11.54 1.79
CA GLN A 260 18.52 11.38 0.81
C GLN A 260 18.84 12.66 0.01
N GLU A 261 17.79 13.35 -0.47
CA GLU A 261 17.88 14.50 -1.39
C GLU A 261 17.64 15.86 -0.80
N GLY A 262 17.04 15.92 0.38
CA GLY A 262 16.71 17.18 1.04
C GLY A 262 15.48 17.86 0.45
N VAL A 263 14.72 17.15 -0.43
CA VAL A 263 13.53 17.71 -1.09
C VAL A 263 12.45 16.65 -1.10
N VAL A 264 11.21 17.01 -1.49
CA VAL A 264 10.12 16.04 -1.68
C VAL A 264 9.44 16.33 -3.01
N ASP A 265 9.09 15.29 -3.75
CA ASP A 265 8.38 15.46 -5.00
C ASP A 265 7.18 14.52 -4.94
N ILE A 266 6.13 14.99 -4.28
CA ILE A 266 4.89 14.24 -4.11
C ILE A 266 4.20 14.07 -5.45
N LEU A 267 4.24 15.09 -6.29
CA LEU A 267 3.64 15.03 -7.64
C LEU A 267 4.29 13.92 -8.47
N LYS A 268 5.64 13.92 -8.58
CA LYS A 268 6.32 12.88 -9.33
C LYS A 268 6.08 11.50 -8.70
N THR A 269 6.11 11.41 -7.37
CA THR A 269 5.82 10.13 -6.67
C THR A 269 4.40 9.62 -6.98
N THR A 270 3.39 10.49 -6.90
CA THR A 270 1.99 10.12 -7.24
C THR A 270 1.90 9.57 -8.69
N CYS A 271 2.56 10.22 -9.68
CA CYS A 271 2.59 9.75 -11.07
C CYS A 271 3.19 8.37 -11.14
N GLN A 272 4.33 8.12 -10.44
CA GLN A 272 5.01 6.82 -10.40
C GLN A 272 4.06 5.72 -9.90
N LEU A 273 3.29 6.01 -8.84
CA LEU A 273 2.29 5.10 -8.25
C LEU A 273 1.19 4.78 -9.23
N ARG A 274 0.67 5.80 -9.92
CA ARG A 274 -0.42 5.66 -10.92
C ARG A 274 0.01 4.82 -12.12
N GLN A 275 1.29 4.90 -12.53
CA GLN A 275 1.78 4.07 -13.64
C GLN A 275 1.69 2.60 -13.20
N ASP A 276 1.93 2.30 -11.89
CA ASP A 276 1.90 0.95 -11.32
C ASP A 276 0.47 0.49 -11.02
N ARG A 277 -0.38 1.37 -10.48
CA ARG A 277 -1.76 0.96 -10.17
C ARG A 277 -2.63 2.19 -10.31
N GLY A 278 -3.63 2.11 -11.19
CA GLY A 278 -4.50 3.25 -11.43
C GLY A 278 -5.22 3.71 -10.18
N GLY A 279 -5.33 5.02 -10.00
CA GLY A 279 -6.07 5.62 -8.88
C GLY A 279 -5.35 5.80 -7.56
N MET A 280 -4.07 5.39 -7.46
CA MET A 280 -3.27 5.54 -6.22
C MET A 280 -3.35 7.02 -5.73
N ILE A 281 -3.85 7.23 -4.50
CA ILE A 281 -4.20 8.55 -3.90
C ILE A 281 -5.47 8.94 -4.66
N GLN A 282 -6.59 8.53 -4.09
CA GLN A 282 -7.92 8.61 -4.63
C GLN A 282 -8.57 9.99 -4.61
N THR A 283 -8.37 10.78 -3.55
CA THR A 283 -9.06 12.05 -3.39
C THR A 283 -8.07 13.21 -3.22
N CSS A 284 -8.56 14.43 -3.37
CA CSS A 284 -7.73 15.61 -3.20
CB CSS A 284 -8.43 16.80 -3.92
SG CSS A 284 -7.42 18.25 -3.60
SD CSS A 284 -8.41 18.70 -1.77
C CSS A 284 -7.41 15.77 -1.71
O CSS A 284 -6.34 16.26 -1.38
N GLU A 285 -8.32 15.38 -0.81
CA GLU A 285 -8.10 15.49 0.65
C GLU A 285 -6.96 14.57 1.04
N GLN A 286 -6.89 13.37 0.41
CA GLN A 286 -5.79 12.44 0.63
C GLN A 286 -4.47 13.01 0.09
N TYR A 287 -4.53 13.66 -1.08
CA TYR A 287 -3.36 14.33 -1.65
C TYR A 287 -2.84 15.43 -0.74
N GLN A 288 -3.73 16.27 -0.20
CA GLN A 288 -3.34 17.30 0.75
C GLN A 288 -2.78 16.65 2.03
N PHE A 289 -3.38 15.53 2.50
CA PHE A 289 -2.93 14.84 3.72
C PHE A 289 -1.46 14.41 3.61
N VAL A 290 -1.06 13.91 2.42
CA VAL A 290 0.32 13.51 2.17
C VAL A 290 1.25 14.72 2.33
N HIS A 291 0.83 15.87 1.81
CA HIS A 291 1.59 17.11 1.98
C HIS A 291 1.66 17.49 3.45
N HIS A 292 0.55 17.31 4.24
CA HIS A 292 0.59 17.61 5.69
C HIS A 292 1.60 16.70 6.41
N VAL A 293 1.62 15.40 6.06
CA VAL A 293 2.51 14.41 6.66
C VAL A 293 3.97 14.76 6.34
N MET A 294 4.24 15.11 5.07
CA MET A 294 5.60 15.43 4.61
C MET A 294 6.12 16.75 5.16
N SER A 295 5.24 17.75 5.32
CA SER A 295 5.60 19.05 5.91
C SER A 295 5.98 18.80 7.39
N LEU A 296 5.18 17.97 8.09
CA LEU A 296 5.47 17.65 9.50
C LEU A 296 6.79 16.89 9.61
N TYR A 297 7.02 15.92 8.73
CA TYR A 297 8.27 15.16 8.80
C TYR A 297 9.48 16.05 8.55
N GLU A 298 9.35 16.99 7.60
CA GLU A 298 10.43 17.94 7.34
C GLU A 298 10.76 18.74 8.62
N LYS A 299 9.74 19.19 9.35
CA LYS A 299 9.95 19.93 10.59
C LYS A 299 10.62 19.05 11.66
N GLN A 300 10.20 17.79 11.76
CA GLN A 300 10.78 16.85 12.74
C GLN A 300 12.25 16.59 12.44
N LEU A 301 12.59 16.37 11.14
CA LEU A 301 13.94 16.10 10.66
C LEU A 301 14.88 17.30 10.86
N SER A 302 14.33 18.53 10.74
CA SER A 302 15.09 19.77 10.90
C SER A 302 15.76 19.91 12.27
N HIS A 303 15.30 19.16 13.29
CA HIS A 303 15.86 19.19 14.64
C HIS A 303 16.98 18.16 14.86
C1 AY8 B . -14.21 5.77 -0.49
C2 AY8 B . -15.47 6.07 -0.02
C3 AY8 B . -13.13 6.50 0.00
C4 AY8 B . -13.29 7.50 0.94
C5 AY8 B . -14.57 7.78 1.39
C6 AY8 B . -15.66 7.07 0.91
C7 AY8 B . -12.11 8.27 1.48
C14 AY8 B . -14.03 4.68 -1.44
C15 AY8 B . -13.71 2.50 -3.13
C16 AY8 B . -13.16 2.48 -1.87
C17 AY8 B . -13.33 3.56 -1.03
C18 AY8 B . -14.57 4.69 -2.72
C19 AY8 B . -14.41 3.60 -3.58
C21 AY8 B . -14.97 3.47 -4.97
C22 AY8 B . -14.33 4.36 -6.02
C23 AY8 B . -14.82 3.98 -7.41
C24 AY8 B . -16.34 3.89 -7.50
C25 AY8 B . -16.96 3.04 -6.40
C26 AY8 B . -16.50 3.49 -5.02
P8 AY8 B . -11.12 7.58 2.85
O9 AY8 B . -10.03 8.54 3.27
O10 AY8 B . -10.58 6.15 2.31
O11 AY8 B . -12.16 7.09 4.00
F12 AY8 B . -11.13 8.51 0.57
F13 AY8 B . -12.42 9.47 2.05
O20 AY8 B . -15.27 5.79 -3.14
#